data_6GXK
#
_entry.id   6GXK
#
_cell.length_a   47.308
_cell.length_b   49.037
_cell.length_c   83.659
_cell.angle_alpha   73.74
_cell.angle_beta   86.74
_cell.angle_gamma   70.08
#
_symmetry.space_group_name_H-M   'P 1'
#
loop_
_entity.id
_entity.type
_entity.pdbx_description
1 polymer 'Aldo-keto reductase family 1 member C3'
2 non-polymer 'NADP NICOTINAMIDE-ADENINE-DINUCLEOTIDE PHOSPHATE'
3 non-polymer 4-[[1-(4-chlorophenyl)carbonyl-5-methoxy-2-methyl-indol-3-yl]methyl]-1,2,5-oxadiazol-3-one
4 non-polymer 1,2-ETHANEDIOL
5 water water
#
_entity_poly.entity_id   1
_entity_poly.type   'polypeptide(L)'
_entity_poly.pdbx_seq_one_letter_code
;MDSKQQCVKLNDGHFMPVLGFGTYAPPEVPRSKALEVTKLAIEAGFRHIDSAHLYNNEEQVGLAIRSKIADGSVKREDIF
YTSKLWSTFHRPELVRPALENSLKKAQLDYVDLYLIHSPMSLKPGEELSPTDENGKVIFDIVDLCTTWEAMEKCKDAGLA
KSIGVSNFNRRQLEMILNKPGLKYKPVCNQVECHPYFNRSKLLDFCKSKDIVLVAYSALGSQRDKRWVDPNSPVLLEDPV
LCALAKKHKRTPALIALRYQLQRGVVVLAKSYNEQRIRQNVQVFEFQLTAEDMKAIDGLDRNLHYFNSDSFASHPNYPYS
DEY
;
_entity_poly.pdbx_strand_id   A,B
#
# COMPACT_ATOMS: atom_id res chain seq x y z
N GLN A 6 28.32 10.72 -3.71
CA GLN A 6 28.09 9.74 -2.66
C GLN A 6 27.74 8.37 -3.24
N CYS A 7 28.41 8.01 -4.33
CA CYS A 7 28.14 6.78 -5.07
C CYS A 7 29.44 6.03 -5.32
N VAL A 8 29.31 4.73 -5.60
CA VAL A 8 30.41 3.93 -6.08
C VAL A 8 30.10 3.50 -7.50
N LYS A 9 31.12 3.50 -8.36
CA LYS A 9 30.95 3.08 -9.75
C LYS A 9 31.03 1.56 -9.83
N LEU A 10 30.01 0.95 -10.42
CA LEU A 10 29.98 -0.50 -10.53
C LEU A 10 30.79 -0.97 -11.74
N ASN A 11 31.13 -2.26 -11.75
CA ASN A 11 31.94 -2.78 -12.84
C ASN A 11 31.21 -2.83 -14.18
N ASP A 12 29.94 -2.41 -14.26
CA ASP A 12 29.26 -2.25 -15.54
C ASP A 12 29.05 -0.79 -15.90
N GLY A 13 29.63 0.13 -15.14
CA GLY A 13 29.58 1.55 -15.45
C GLY A 13 28.47 2.31 -14.75
N HIS A 14 27.47 1.63 -14.21
CA HIS A 14 26.43 2.31 -13.47
C HIS A 14 26.91 2.68 -12.07
N PHE A 15 26.15 3.56 -11.40
CA PHE A 15 26.54 4.09 -10.09
C PHE A 15 25.52 3.71 -9.03
N MET A 16 26.03 3.31 -7.87
CA MET A 16 25.22 2.84 -6.75
C MET A 16 25.44 3.77 -5.57
N PRO A 17 24.41 4.40 -5.02
CA PRO A 17 24.60 5.20 -3.80
C PRO A 17 25.11 4.31 -2.67
N VAL A 18 26.09 4.82 -1.91
CA VAL A 18 26.77 3.96 -0.93
C VAL A 18 25.97 3.76 0.35
N LEU A 19 24.90 4.52 0.57
CA LEU A 19 23.98 4.28 1.68
C LEU A 19 22.62 3.90 1.12
N GLY A 20 22.10 2.74 1.55
CA GLY A 20 20.83 2.22 1.05
C GLY A 20 19.81 2.05 2.15
N PHE A 21 18.53 2.25 1.80
CA PHE A 21 17.42 2.10 2.75
C PHE A 21 16.89 0.67 2.69
N GLY A 22 16.90 -0.01 3.83
CA GLY A 22 16.43 -1.40 3.90
C GLY A 22 14.94 -1.36 4.17
N THR A 23 14.17 -2.16 3.41
CA THR A 23 12.72 -2.06 3.46
C THR A 23 12.03 -3.26 4.09
N TYR A 24 12.77 -4.31 4.46
CA TYR A 24 12.08 -5.47 5.02
C TYR A 24 11.45 -5.13 6.36
N ALA A 25 10.20 -5.57 6.53
CA ALA A 25 9.54 -5.55 7.81
C ALA A 25 8.74 -6.84 7.94
N PRO A 26 8.70 -7.43 9.13
CA PRO A 26 8.00 -8.72 9.31
C PRO A 26 6.52 -8.59 8.99
N PRO A 27 5.84 -9.72 8.76
CA PRO A 27 4.43 -9.65 8.29
C PRO A 27 3.48 -8.98 9.26
N GLU A 28 3.82 -8.88 10.54
CA GLU A 28 2.95 -8.21 11.51
C GLU A 28 2.86 -6.71 11.25
N VAL A 29 3.83 -6.14 10.52
CA VAL A 29 3.79 -4.72 10.22
C VAL A 29 2.84 -4.50 9.05
N PRO A 30 1.83 -3.66 9.21
CA PRO A 30 0.93 -3.40 8.09
C PRO A 30 1.66 -2.83 6.88
N ARG A 31 1.20 -3.24 5.70
CA ARG A 31 1.89 -2.85 4.46
C ARG A 31 1.85 -1.36 4.20
N SER A 32 0.92 -0.63 4.80
CA SER A 32 0.91 0.83 4.62
C SER A 32 2.19 1.46 5.17
N LYS A 33 2.82 0.82 6.15
CA LYS A 33 4.03 1.37 6.75
C LYS A 33 5.15 1.46 5.72
N ALA A 34 5.35 0.41 4.92
CA ALA A 34 6.38 0.45 3.88
C ALA A 34 6.20 1.64 2.96
N LEU A 35 4.95 1.94 2.58
CA LEU A 35 4.69 3.13 1.78
C LEU A 35 5.10 4.40 2.52
N GLU A 36 4.69 4.53 3.77
CA GLU A 36 4.98 5.73 4.55
C GLU A 36 6.47 5.93 4.73
N VAL A 37 7.18 4.86 5.13
CA VAL A 37 8.58 5.06 5.51
C VAL A 37 9.47 5.21 4.30
N THR A 38 9.11 4.61 3.16
CA THR A 38 9.91 4.82 1.97
C THR A 38 9.85 6.28 1.53
N LYS A 39 8.68 6.91 1.69
CA LYS A 39 8.60 8.34 1.41
C LYS A 39 9.46 9.13 2.38
N LEU A 40 9.38 8.80 3.67
CA LEU A 40 10.23 9.45 4.66
C LEU A 40 11.70 9.26 4.33
N ALA A 41 12.08 8.07 3.84
CA ALA A 41 13.49 7.81 3.54
C ALA A 41 13.96 8.67 2.39
N ILE A 42 13.16 8.78 1.32
CA ILE A 42 13.50 9.65 0.20
C ILE A 42 13.55 11.10 0.66
N GLU A 43 12.62 11.49 1.51
CA GLU A 43 12.60 12.85 2.05
C GLU A 43 13.85 13.12 2.88
N ALA A 44 14.37 12.10 3.57
CA ALA A 44 15.55 12.26 4.39
C ALA A 44 16.83 12.33 3.56
N GLY A 45 16.80 11.85 2.32
CA GLY A 45 17.96 11.87 1.45
C GLY A 45 18.39 10.51 0.92
N PHE A 46 17.75 9.43 1.34
CA PHE A 46 18.05 8.12 0.77
C PHE A 46 17.69 8.10 -0.71
N ARG A 47 18.58 7.57 -1.53
CA ARG A 47 18.35 7.43 -2.95
C ARG A 47 18.48 5.99 -3.42
N HIS A 48 18.98 5.11 -2.57
CA HIS A 48 19.16 3.69 -2.83
C HIS A 48 18.14 2.97 -1.95
N ILE A 49 17.25 2.18 -2.56
CA ILE A 49 16.16 1.51 -1.86
C ILE A 49 16.25 0.02 -2.16
N ASP A 50 16.31 -0.80 -1.13
CA ASP A 50 16.53 -2.24 -1.26
C ASP A 50 15.25 -3.00 -0.95
N SER A 51 14.70 -3.68 -1.96
CA SER A 51 13.50 -4.49 -1.74
C SER A 51 13.71 -5.88 -2.33
N ALA A 52 12.63 -6.64 -2.47
CA ALA A 52 12.74 -8.03 -2.93
C ALA A 52 11.32 -8.56 -3.10
N HIS A 53 11.18 -9.55 -3.99
CA HIS A 53 9.89 -10.24 -4.08
C HIS A 53 9.49 -10.80 -2.73
N LEU A 54 10.46 -11.34 -1.98
CA LEU A 54 10.17 -11.98 -0.71
C LEU A 54 9.47 -11.03 0.27
N TYR A 55 9.74 -9.74 0.18
CA TYR A 55 9.35 -8.83 1.25
C TYR A 55 7.87 -8.45 1.22
N ASN A 56 7.14 -8.86 0.20
CA ASN A 56 5.73 -8.51 0.08
C ASN A 56 5.52 -7.00 0.31
N ASN A 57 6.36 -6.19 -0.32
CA ASN A 57 6.19 -4.76 -0.19
C ASN A 57 6.56 -3.99 -1.45
N GLU A 58 6.88 -4.66 -2.56
CA GLU A 58 7.31 -3.92 -3.74
C GLU A 58 6.21 -2.99 -4.26
N GLU A 59 4.95 -3.39 -4.13
CA GLU A 59 3.87 -2.49 -4.53
C GLU A 59 3.91 -1.18 -3.72
N GLN A 60 4.13 -1.29 -2.41
CA GLN A 60 4.12 -0.08 -1.57
C GLN A 60 5.39 0.74 -1.77
N VAL A 61 6.53 0.07 -1.94
CA VAL A 61 7.77 0.81 -2.20
C VAL A 61 7.69 1.52 -3.55
N GLY A 62 7.15 0.85 -4.56
CA GLY A 62 6.98 1.50 -5.86
C GLY A 62 6.02 2.67 -5.80
N LEU A 63 4.96 2.56 -4.99
CA LEU A 63 4.02 3.67 -4.81
C LEU A 63 4.70 4.86 -4.16
N ALA A 64 5.60 4.60 -3.21
CA ALA A 64 6.31 5.69 -2.55
C ALA A 64 7.21 6.41 -3.54
N ILE A 65 7.90 5.65 -4.39
CA ILE A 65 8.76 6.23 -5.41
C ILE A 65 7.93 7.06 -6.38
N ARG A 66 6.81 6.49 -6.85
CA ARG A 66 5.89 7.20 -7.74
C ARG A 66 5.43 8.51 -7.12
N SER A 67 5.08 8.49 -5.84
CA SER A 67 4.58 9.69 -5.16
C SER A 67 5.65 10.76 -5.08
N LYS A 68 6.90 10.37 -4.80
CA LYS A 68 7.97 11.36 -4.67
C LYS A 68 8.41 11.87 -6.04
N ILE A 69 8.25 11.07 -7.09
CA ILE A 69 8.48 11.58 -8.42
C ILE A 69 7.38 12.57 -8.79
N ALA A 70 6.13 12.24 -8.44
CA ALA A 70 5.01 13.08 -8.85
C ALA A 70 5.01 14.44 -8.16
N ASP A 71 5.47 14.53 -6.91
CA ASP A 71 5.51 15.81 -6.22
C ASP A 71 6.80 16.57 -6.49
N GLY A 72 7.64 16.08 -7.41
CA GLY A 72 8.81 16.80 -7.84
C GLY A 72 10.02 16.70 -6.95
N SER A 73 10.00 15.82 -5.94
CA SER A 73 11.13 15.66 -5.04
C SER A 73 12.31 14.97 -5.72
N VAL A 74 12.03 13.94 -6.52
CA VAL A 74 13.06 13.19 -7.23
C VAL A 74 12.57 12.88 -8.63
N LYS A 75 13.49 12.54 -9.51
CA LYS A 75 13.16 11.90 -10.77
C LYS A 75 13.50 10.42 -10.68
N ARG A 76 12.95 9.62 -11.60
CA ARG A 76 13.21 8.18 -11.55
C ARG A 76 14.70 7.87 -11.61
N GLU A 77 15.46 8.63 -12.42
CA GLU A 77 16.89 8.37 -12.54
C GLU A 77 17.67 8.78 -11.30
N ASP A 78 17.07 9.50 -10.36
CA ASP A 78 17.74 9.79 -9.10
C ASP A 78 17.63 8.65 -8.11
N ILE A 79 16.79 7.65 -8.37
CA ILE A 79 16.50 6.58 -7.42
C ILE A 79 17.20 5.33 -7.91
N PHE A 80 17.83 4.61 -6.98
CA PHE A 80 18.47 3.33 -7.26
C PHE A 80 17.63 2.26 -6.57
N TYR A 81 16.85 1.51 -7.34
CA TYR A 81 15.90 0.56 -6.79
C TYR A 81 16.41 -0.85 -7.01
N THR A 82 16.49 -1.63 -5.94
CA THR A 82 16.93 -3.02 -6.00
C THR A 82 15.78 -3.98 -5.75
N SER A 83 15.65 -5.00 -6.60
CA SER A 83 14.81 -6.14 -6.26
C SER A 83 15.66 -7.40 -6.29
N LYS A 84 15.03 -8.52 -5.88
CA LYS A 84 15.75 -9.79 -5.79
C LYS A 84 14.87 -10.93 -6.26
N LEU A 85 15.50 -11.87 -6.94
CA LEU A 85 14.89 -13.11 -7.41
C LEU A 85 14.80 -14.11 -6.26
N TRP A 86 13.59 -14.53 -5.92
CA TRP A 86 13.48 -15.48 -4.83
C TRP A 86 13.93 -16.88 -5.29
N SER A 87 14.32 -17.69 -4.31
CA SER A 87 14.98 -18.97 -4.56
C SER A 87 14.10 -20.02 -5.22
N THR A 88 12.79 -19.82 -5.23
CA THR A 88 11.91 -20.71 -5.96
C THR A 88 11.88 -20.40 -7.45
N PHE A 89 12.63 -19.39 -7.90
CA PHE A 89 12.61 -18.97 -9.29
C PHE A 89 13.98 -19.06 -9.93
N HIS A 90 14.85 -19.95 -9.41
CA HIS A 90 16.20 -20.07 -9.94
C HIS A 90 16.23 -20.73 -11.30
N ARG A 91 15.27 -21.60 -11.61
CA ARG A 91 15.26 -22.25 -12.91
C ARG A 91 15.20 -21.20 -14.00
N PRO A 92 16.03 -21.29 -15.04
CA PRO A 92 16.26 -20.10 -15.89
C PRO A 92 15.01 -19.59 -16.57
N GLU A 93 14.06 -20.46 -16.92
CA GLU A 93 12.83 -20.02 -17.57
C GLU A 93 11.93 -19.20 -16.64
N LEU A 94 12.15 -19.26 -15.33
CA LEU A 94 11.34 -18.51 -14.38
C LEU A 94 11.93 -17.15 -14.04
N VAL A 95 13.13 -16.83 -14.52
CA VAL A 95 13.83 -15.62 -14.04
C VAL A 95 13.16 -14.36 -14.60
N ARG A 96 13.06 -14.25 -15.90
CA ARG A 96 12.41 -13.06 -16.46
C ARG A 96 10.97 -12.87 -16.00
N PRO A 97 10.11 -13.91 -15.95
CA PRO A 97 8.75 -13.68 -15.43
C PRO A 97 8.72 -13.19 -13.99
N ALA A 98 9.62 -13.68 -13.15
CA ALA A 98 9.71 -13.19 -11.78
C ALA A 98 10.08 -11.70 -11.76
N LEU A 99 11.05 -11.31 -12.59
CA LEU A 99 11.41 -9.89 -12.64
C LEU A 99 10.26 -9.06 -13.20
N GLU A 100 9.61 -9.52 -14.26
CA GLU A 100 8.50 -8.77 -14.82
C GLU A 100 7.38 -8.60 -13.80
N ASN A 101 7.17 -9.61 -12.96
CA ASN A 101 6.15 -9.50 -11.92
C ASN A 101 6.54 -8.47 -10.87
N SER A 102 7.82 -8.45 -10.46
CA SER A 102 8.27 -7.39 -9.55
C SER A 102 8.06 -6.01 -10.17
N LEU A 103 8.38 -5.86 -11.46
CA LEU A 103 8.23 -4.57 -12.13
C LEU A 103 6.76 -4.15 -12.20
N LYS A 104 5.87 -5.12 -12.42
CA LYS A 104 4.44 -4.83 -12.47
C LYS A 104 3.92 -4.39 -11.10
N LYS A 105 4.35 -5.10 -10.05
CA LYS A 105 3.92 -4.74 -8.69
C LYS A 105 4.38 -3.35 -8.32
N ALA A 106 5.65 -3.04 -8.60
CA ALA A 106 6.24 -1.74 -8.28
C ALA A 106 5.85 -0.65 -9.27
N GLN A 107 5.24 -1.02 -10.39
CA GLN A 107 4.94 -0.09 -11.47
C GLN A 107 6.19 0.72 -11.87
N LEU A 108 7.28 -0.02 -12.13
CA LEU A 108 8.52 0.52 -12.64
C LEU A 108 8.80 -0.07 -14.02
N ASP A 109 9.53 0.67 -14.85
CA ASP A 109 9.96 0.14 -16.13
C ASP A 109 11.21 -0.73 -16.02
N TYR A 110 12.01 -0.51 -14.98
CA TYR A 110 13.24 -1.26 -14.79
C TYR A 110 13.57 -1.21 -13.31
N VAL A 111 14.40 -2.18 -12.87
CA VAL A 111 15.06 -2.05 -11.59
C VAL A 111 16.49 -1.61 -11.88
N ASP A 112 17.07 -0.85 -10.95
CA ASP A 112 18.48 -0.51 -11.11
C ASP A 112 19.37 -1.71 -10.84
N LEU A 113 18.91 -2.63 -10.00
CA LEU A 113 19.72 -3.77 -9.61
C LEU A 113 18.78 -4.95 -9.35
N TYR A 114 19.10 -6.09 -9.95
CA TYR A 114 18.37 -7.32 -9.68
C TYR A 114 19.37 -8.34 -9.15
N LEU A 115 19.06 -8.94 -8.01
CA LEU A 115 19.95 -9.90 -7.38
C LEU A 115 19.32 -11.27 -7.33
N ILE A 116 20.18 -12.30 -7.46
CA ILE A 116 19.85 -13.60 -6.91
C ILE A 116 19.85 -13.49 -5.40
N HIS A 117 18.69 -13.69 -4.77
CA HIS A 117 18.55 -13.45 -3.33
C HIS A 117 19.46 -14.36 -2.53
N SER A 118 19.66 -15.58 -3.00
CA SER A 118 20.40 -16.59 -2.24
C SER A 118 20.80 -17.70 -3.19
N PRO A 119 21.94 -18.36 -2.94
CA PRO A 119 22.29 -19.53 -3.76
C PRO A 119 21.49 -20.77 -3.41
N MET A 120 20.66 -20.74 -2.36
CA MET A 120 20.05 -21.96 -1.84
C MET A 120 18.69 -22.20 -2.50
N SER A 121 18.76 -22.81 -3.69
CA SER A 121 17.57 -23.05 -4.52
C SER A 121 16.51 -23.86 -3.79
N LEU A 122 15.26 -23.53 -4.05
CA LEU A 122 14.09 -24.16 -3.48
C LEU A 122 13.16 -24.66 -4.57
N LYS A 123 12.26 -25.55 -4.19
CA LYS A 123 11.32 -26.16 -5.14
C LYS A 123 10.62 -25.07 -5.97
N PRO A 124 10.60 -25.19 -7.29
CA PRO A 124 10.03 -24.13 -8.13
C PRO A 124 8.55 -23.94 -7.87
N GLY A 125 8.12 -22.70 -7.89
CA GLY A 125 6.72 -22.39 -7.67
C GLY A 125 6.56 -20.99 -7.14
N GLU A 126 5.31 -20.53 -7.16
CA GLU A 126 4.99 -19.25 -6.55
C GLU A 126 4.95 -19.34 -5.03
N GLU A 127 4.73 -20.54 -4.48
CA GLU A 127 4.82 -20.73 -3.03
C GLU A 127 6.24 -20.43 -2.57
N LEU A 128 6.37 -19.46 -1.65
CA LEU A 128 7.69 -19.00 -1.25
C LEU A 128 8.39 -19.95 -0.29
N SER A 129 7.64 -20.74 0.46
CA SER A 129 8.18 -21.68 1.44
C SER A 129 7.64 -23.07 1.15
N PRO A 130 8.13 -23.71 0.10
CA PRO A 130 7.67 -25.07 -0.22
C PRO A 130 8.13 -26.05 0.85
N THR A 131 7.18 -26.83 1.38
CA THR A 131 7.47 -27.80 2.43
C THR A 131 6.82 -29.14 2.10
N ASP A 132 7.44 -30.22 2.59
CA ASP A 132 6.96 -31.57 2.30
C ASP A 132 5.92 -31.99 3.32
N GLU A 133 5.51 -33.27 3.27
CA GLU A 133 4.47 -33.78 4.15
C GLU A 133 4.92 -33.85 5.60
N ASN A 134 6.22 -33.77 5.87
CA ASN A 134 6.75 -33.73 7.23
C ASN A 134 7.18 -32.33 7.65
N GLY A 135 6.73 -31.30 6.92
CA GLY A 135 7.00 -29.92 7.29
C GLY A 135 8.39 -29.41 6.95
N LYS A 136 9.19 -30.18 6.21
CA LYS A 136 10.54 -29.79 5.88
C LYS A 136 10.58 -29.01 4.56
N VAL A 137 11.39 -27.96 4.53
CA VAL A 137 11.56 -27.16 3.32
C VAL A 137 12.11 -28.04 2.20
N ILE A 138 11.59 -27.86 0.99
CA ILE A 138 11.97 -28.67 -0.15
C ILE A 138 13.02 -27.90 -0.96
N PHE A 139 14.24 -28.43 -1.01
CA PHE A 139 15.31 -27.85 -1.80
C PHE A 139 15.14 -28.22 -3.28
N ASP A 140 15.83 -27.48 -4.14
CA ASP A 140 15.93 -27.78 -5.56
C ASP A 140 17.41 -27.76 -5.93
N ILE A 141 17.74 -28.43 -7.01
CA ILE A 141 19.11 -28.45 -7.53
C ILE A 141 19.10 -27.72 -8.86
N VAL A 142 19.78 -26.57 -8.90
CA VAL A 142 19.86 -25.73 -10.10
C VAL A 142 21.29 -25.30 -10.29
N ASP A 143 21.78 -25.41 -11.52
CA ASP A 143 23.08 -24.85 -11.88
C ASP A 143 22.94 -23.34 -11.90
N LEU A 144 23.53 -22.68 -10.91
CA LEU A 144 23.34 -21.24 -10.79
C LEU A 144 23.98 -20.47 -11.94
N CYS A 145 24.86 -21.10 -12.72
CA CYS A 145 25.38 -20.46 -13.92
C CYS A 145 24.28 -20.27 -14.97
N THR A 146 23.29 -21.17 -15.00
CA THR A 146 22.17 -21.01 -15.92
C THR A 146 21.19 -19.95 -15.42
N THR A 147 21.00 -19.86 -14.10
CA THR A 147 20.29 -18.72 -13.53
C THR A 147 20.99 -17.42 -13.91
N TRP A 148 22.31 -17.39 -13.79
CA TRP A 148 23.05 -16.17 -14.12
C TRP A 148 22.89 -15.80 -15.60
N GLU A 149 22.93 -16.79 -16.48
CA GLU A 149 22.70 -16.49 -17.90
C GLU A 149 21.34 -15.86 -18.11
N ALA A 150 20.32 -16.31 -17.36
CA ALA A 150 19.00 -15.68 -17.47
C ALA A 150 19.00 -14.26 -16.91
N MET A 151 19.78 -14.01 -15.85
CA MET A 151 19.92 -12.65 -15.32
C MET A 151 20.57 -11.75 -16.36
N GLU A 152 21.61 -12.25 -17.02
CA GLU A 152 22.27 -11.49 -18.09
C GLU A 152 21.28 -11.08 -19.18
N LYS A 153 20.38 -11.99 -19.56
CA LYS A 153 19.37 -11.64 -20.57
C LYS A 153 18.42 -10.58 -20.06
N CYS A 154 18.11 -10.58 -18.75
CA CYS A 154 17.30 -9.53 -18.17
C CYS A 154 17.98 -8.17 -18.26
N LYS A 155 19.30 -8.14 -18.09
CA LYS A 155 20.02 -6.87 -18.25
C LYS A 155 20.01 -6.42 -19.71
N ASP A 156 20.25 -7.34 -20.63
CA ASP A 156 20.19 -6.98 -22.04
C ASP A 156 18.78 -6.55 -22.45
N ALA A 157 17.76 -7.12 -21.83
CA ALA A 157 16.39 -6.75 -22.18
C ALA A 157 15.99 -5.39 -21.62
N GLY A 158 16.88 -4.73 -20.87
CA GLY A 158 16.61 -3.43 -20.28
C GLY A 158 15.84 -3.46 -18.97
N LEU A 159 15.45 -4.65 -18.49
CA LEU A 159 14.61 -4.73 -17.30
C LEU A 159 15.40 -4.54 -16.02
N ALA A 160 16.71 -4.78 -16.04
CA ALA A 160 17.60 -4.54 -14.92
C ALA A 160 18.82 -3.80 -15.45
N LYS A 161 19.12 -2.63 -14.86
CA LYS A 161 20.31 -1.91 -15.28
C LYS A 161 21.57 -2.65 -14.89
N SER A 162 21.58 -3.25 -13.70
CA SER A 162 22.70 -4.02 -13.20
C SER A 162 22.19 -5.31 -12.59
N ILE A 163 23.07 -6.30 -12.54
CA ILE A 163 22.73 -7.58 -11.93
C ILE A 163 23.83 -7.98 -10.96
N GLY A 164 23.43 -8.66 -9.90
CA GLY A 164 24.38 -9.11 -8.91
C GLY A 164 23.82 -10.29 -8.15
N VAL A 165 24.50 -10.63 -7.05
CA VAL A 165 24.11 -11.78 -6.25
C VAL A 165 24.04 -11.37 -4.79
N SER A 166 23.46 -12.26 -3.99
CA SER A 166 23.37 -12.06 -2.55
C SER A 166 23.62 -13.39 -1.85
N ASN A 167 24.30 -13.32 -0.71
CA ASN A 167 24.56 -14.49 0.14
C ASN A 167 25.44 -15.52 -0.54
N PHE A 168 26.28 -15.10 -1.48
CA PHE A 168 27.26 -16.01 -2.06
C PHE A 168 28.56 -15.99 -1.26
N ASN A 169 29.24 -17.13 -1.22
CA ASN A 169 30.59 -17.17 -0.69
C ASN A 169 31.60 -17.08 -1.85
N ARG A 170 32.88 -17.12 -1.51
CA ARG A 170 33.92 -16.92 -2.54
C ARG A 170 33.82 -17.98 -3.62
N ARG A 171 33.67 -19.25 -3.24
CA ARG A 171 33.60 -20.34 -4.22
C ARG A 171 32.42 -20.15 -5.17
N GLN A 172 31.29 -19.68 -4.64
CA GLN A 172 30.10 -19.48 -5.48
C GLN A 172 30.27 -18.28 -6.41
N LEU A 173 30.86 -17.20 -5.91
CA LEU A 173 31.25 -16.09 -6.78
C LEU A 173 32.18 -16.58 -7.89
N GLU A 174 33.17 -17.42 -7.56
CA GLU A 174 34.12 -17.87 -8.56
C GLU A 174 33.44 -18.74 -9.61
N MET A 175 32.40 -19.47 -9.24
CA MET A 175 31.69 -20.27 -10.23
C MET A 175 31.11 -19.38 -11.33
N ILE A 176 30.55 -18.24 -10.94
CA ILE A 176 30.04 -17.27 -11.92
C ILE A 176 31.19 -16.64 -12.68
N LEU A 177 32.20 -16.15 -11.97
CA LEU A 177 33.29 -15.41 -12.61
C LEU A 177 34.00 -16.28 -13.63
N ASN A 178 34.14 -17.58 -13.35
CA ASN A 178 34.84 -18.52 -14.22
C ASN A 178 33.94 -19.21 -15.23
N LYS A 179 32.68 -18.79 -15.33
CA LYS A 179 31.75 -19.42 -16.26
C LYS A 179 32.19 -19.15 -17.69
N PRO A 180 32.32 -20.17 -18.54
CA PRO A 180 32.65 -19.92 -19.95
C PRO A 180 31.60 -19.05 -20.63
N GLY A 181 32.08 -18.06 -21.40
CA GLY A 181 31.19 -17.19 -22.12
C GLY A 181 30.49 -16.16 -21.27
N LEU A 182 30.95 -15.94 -20.04
CA LEU A 182 30.38 -14.92 -19.18
C LEU A 182 30.33 -13.57 -19.89
N LYS A 183 29.19 -12.90 -19.80
CA LYS A 183 29.03 -11.56 -20.37
C LYS A 183 29.09 -10.45 -19.32
N TYR A 184 28.44 -10.65 -18.17
CA TYR A 184 28.42 -9.65 -17.11
C TYR A 184 28.83 -10.28 -15.80
N LYS A 185 29.88 -9.74 -15.18
CA LYS A 185 30.17 -10.07 -13.80
C LYS A 185 29.05 -9.55 -12.88
N PRO A 186 28.85 -10.18 -11.73
CA PRO A 186 28.00 -9.55 -10.72
C PRO A 186 28.61 -8.23 -10.31
N VAL A 187 27.77 -7.19 -10.22
CA VAL A 187 28.27 -5.91 -9.75
C VAL A 187 28.46 -5.91 -8.25
N CYS A 188 27.80 -6.80 -7.53
CA CYS A 188 27.85 -6.78 -6.07
C CYS A 188 27.55 -8.16 -5.52
N ASN A 189 27.86 -8.32 -4.25
CA ASN A 189 27.46 -9.47 -3.44
C ASN A 189 26.89 -8.88 -2.16
N GLN A 190 25.56 -8.93 -2.01
CA GLN A 190 24.92 -8.45 -0.78
C GLN A 190 24.94 -9.55 0.28
N VAL A 191 25.59 -9.29 1.43
CA VAL A 191 25.81 -10.33 2.43
C VAL A 191 25.63 -9.74 3.83
N GLU A 192 25.46 -10.65 4.80
CA GLU A 192 25.40 -10.18 6.18
C GLU A 192 26.76 -9.62 6.59
N CYS A 193 26.77 -8.40 7.10
CA CYS A 193 28.06 -7.78 7.39
C CYS A 193 27.87 -6.73 8.47
N HIS A 194 28.55 -6.91 9.60
CA HIS A 194 28.48 -5.99 10.73
C HIS A 194 29.73 -6.23 11.57
N PRO A 195 29.97 -5.42 12.61
CA PRO A 195 31.21 -5.65 13.40
C PRO A 195 31.34 -7.04 14.02
N TYR A 196 30.25 -7.80 14.21
CA TYR A 196 30.40 -9.13 14.78
C TYR A 196 30.59 -10.20 13.71
N PHE A 197 30.58 -9.81 12.43
CA PHE A 197 30.71 -10.71 11.29
C PHE A 197 31.14 -9.85 10.12
N ASN A 198 32.41 -9.41 10.10
CA ASN A 198 32.75 -8.30 9.21
C ASN A 198 33.18 -8.72 7.81
N ARG A 199 33.30 -10.02 7.54
CA ARG A 199 33.52 -10.55 6.18
C ARG A 199 34.79 -10.01 5.54
N SER A 200 35.85 -9.75 6.33
CA SER A 200 37.03 -9.08 5.79
C SER A 200 37.66 -9.88 4.65
N LYS A 201 37.76 -11.20 4.78
CA LYS A 201 38.37 -12.00 3.72
C LYS A 201 37.51 -11.95 2.45
N LEU A 202 36.20 -12.13 2.61
CA LEU A 202 35.30 -12.03 1.46
C LEU A 202 35.35 -10.64 0.84
N LEU A 203 35.44 -9.60 1.68
CA LEU A 203 35.53 -8.24 1.15
C LEU A 203 36.81 -8.06 0.34
N ASP A 204 37.95 -8.56 0.85
CA ASP A 204 39.19 -8.49 0.10
C ASP A 204 39.07 -9.17 -1.26
N PHE A 205 38.44 -10.35 -1.30
CA PHE A 205 38.24 -11.03 -2.58
C PHE A 205 37.37 -10.21 -3.53
N CYS A 206 36.24 -9.72 -3.02
CA CYS A 206 35.35 -8.94 -3.87
C CYS A 206 36.06 -7.72 -4.42
N LYS A 207 36.82 -7.01 -3.58
CA LYS A 207 37.58 -5.86 -4.07
C LYS A 207 38.51 -6.25 -5.22
N SER A 208 39.19 -7.40 -5.09
CA SER A 208 40.12 -7.86 -6.12
C SER A 208 39.45 -8.17 -7.45
N LYS A 209 38.12 -8.38 -7.45
CA LYS A 209 37.37 -8.65 -8.68
C LYS A 209 36.47 -7.48 -9.08
N ASP A 210 36.63 -6.32 -8.46
CA ASP A 210 35.76 -5.16 -8.71
C ASP A 210 34.29 -5.51 -8.51
N ILE A 211 34.00 -6.27 -7.47
CA ILE A 211 32.65 -6.57 -7.03
C ILE A 211 32.42 -5.83 -5.71
N VAL A 212 31.34 -5.06 -5.64
CA VAL A 212 31.01 -4.32 -4.43
C VAL A 212 30.40 -5.26 -3.40
N LEU A 213 30.89 -5.21 -2.16
CA LEU A 213 30.19 -5.88 -1.08
C LEU A 213 29.15 -4.92 -0.51
N VAL A 214 27.90 -5.38 -0.43
CA VAL A 214 26.80 -4.62 0.16
C VAL A 214 26.43 -5.30 1.45
N ALA A 215 26.43 -4.53 2.54
CA ALA A 215 26.22 -5.06 3.89
C ALA A 215 24.73 -5.02 4.25
N TYR A 216 24.16 -6.16 4.59
CA TYR A 216 22.88 -6.15 5.28
C TYR A 216 23.04 -6.59 6.73
N SER A 217 21.98 -6.33 7.48
CA SER A 217 21.97 -6.44 8.96
C SER A 217 23.19 -5.75 9.55
N ALA A 218 23.56 -4.63 8.94
CA ALA A 218 24.71 -3.85 9.39
C ALA A 218 24.49 -3.19 10.75
N LEU A 219 23.24 -3.12 11.20
CA LEU A 219 22.92 -2.65 12.55
C LEU A 219 22.58 -3.80 13.49
N GLY A 220 22.87 -5.04 13.08
CA GLY A 220 22.66 -6.18 13.95
C GLY A 220 21.35 -6.88 13.80
N SER A 221 20.62 -6.61 12.71
CA SER A 221 19.38 -7.28 12.33
C SER A 221 18.20 -6.85 13.18
N GLN A 222 17.00 -7.26 12.77
CA GLN A 222 15.79 -6.89 13.50
C GLN A 222 15.50 -7.85 14.63
N ARG A 223 16.36 -8.86 14.83
CA ARG A 223 16.24 -9.79 15.94
C ARG A 223 14.84 -10.42 15.97
N ASP A 224 14.35 -10.75 14.79
CA ASP A 224 13.08 -11.45 14.64
C ASP A 224 13.13 -12.76 15.43
N LYS A 225 12.13 -12.96 16.30
CA LYS A 225 12.25 -14.12 17.17
C LYS A 225 11.90 -15.44 16.47
N ARG A 226 11.43 -15.43 15.22
CA ARG A 226 11.36 -16.67 14.48
C ARG A 226 12.73 -17.15 14.05
N TRP A 227 13.72 -16.26 13.99
CA TRP A 227 14.99 -16.50 13.32
C TRP A 227 16.21 -16.27 14.18
N VAL A 228 16.13 -15.39 15.19
CA VAL A 228 17.30 -14.89 15.90
C VAL A 228 17.28 -15.44 17.32
N ASP A 229 18.35 -16.15 17.68
CA ASP A 229 18.58 -16.60 19.05
C ASP A 229 18.60 -15.38 19.98
N PRO A 230 17.68 -15.28 20.96
CA PRO A 230 17.62 -14.06 21.77
C PRO A 230 18.80 -13.91 22.69
N ASN A 231 19.57 -14.98 22.90
CA ASN A 231 20.82 -14.93 23.65
C ASN A 231 21.99 -14.45 22.82
N SER A 232 21.79 -14.16 21.54
CA SER A 232 22.87 -13.57 20.76
C SER A 232 23.12 -12.15 21.24
N PRO A 233 24.37 -11.69 21.27
CA PRO A 233 24.65 -10.32 21.72
C PRO A 233 23.97 -9.29 20.83
N VAL A 234 23.49 -8.22 21.45
CA VAL A 234 22.86 -7.11 20.75
C VAL A 234 23.98 -6.22 20.20
N LEU A 235 24.10 -6.14 18.87
CA LEU A 235 25.19 -5.39 18.27
C LEU A 235 25.25 -3.96 18.80
N LEU A 236 24.12 -3.25 18.78
CA LEU A 236 24.15 -1.84 19.15
C LEU A 236 24.36 -1.62 20.65
N GLU A 237 24.50 -2.68 21.44
CA GLU A 237 24.86 -2.55 22.84
C GLU A 237 26.33 -2.84 23.08
N ASP A 238 27.09 -3.07 22.01
CA ASP A 238 28.49 -3.43 22.14
C ASP A 238 29.26 -2.32 22.86
N PRO A 239 30.04 -2.65 23.89
CA PRO A 239 30.73 -1.59 24.64
C PRO A 239 31.69 -0.77 23.79
N VAL A 240 32.36 -1.39 22.81
CA VAL A 240 33.28 -0.64 21.97
C VAL A 240 32.52 0.32 21.07
N LEU A 241 31.43 -0.17 20.45
CA LEU A 241 30.62 0.71 19.62
C LEU A 241 30.05 1.85 20.44
N CYS A 242 29.62 1.55 21.68
CA CYS A 242 29.01 2.59 22.48
C CYS A 242 30.04 3.59 22.96
N ALA A 243 31.27 3.15 23.24
CA ALA A 243 32.31 4.09 23.62
C ALA A 243 32.68 5.00 22.46
N LEU A 244 32.75 4.44 21.24
CA LEU A 244 33.03 5.24 20.06
C LEU A 244 31.89 6.23 19.79
N ALA A 245 30.64 5.81 20.03
CA ALA A 245 29.53 6.72 19.85
C ALA A 245 29.63 7.90 20.81
N LYS A 246 30.02 7.63 22.05
CA LYS A 246 30.19 8.71 23.04
C LYS A 246 31.35 9.62 22.67
N LYS A 247 32.46 9.04 22.22
CA LYS A 247 33.62 9.83 21.84
C LYS A 247 33.31 10.77 20.68
N HIS A 248 32.59 10.28 19.67
CA HIS A 248 32.26 11.07 18.50
C HIS A 248 30.98 11.88 18.65
N LYS A 249 30.26 11.74 19.76
CA LYS A 249 28.96 12.35 19.95
C LYS A 249 28.02 11.97 18.80
N ARG A 250 28.03 10.68 18.48
CA ARG A 250 27.08 10.12 17.52
C ARG A 250 26.31 9.02 18.22
N THR A 251 25.83 8.03 17.47
CA THR A 251 25.10 6.91 18.02
C THR A 251 25.78 5.62 17.60
N PRO A 252 25.62 4.53 18.37
CA PRO A 252 26.22 3.26 17.96
C PRO A 252 25.84 2.85 16.55
N ALA A 253 24.60 3.14 16.15
CA ALA A 253 24.17 2.82 14.78
C ALA A 253 25.03 3.58 13.78
N LEU A 254 25.22 4.88 14.01
CA LEU A 254 26.04 5.66 13.10
C LEU A 254 27.49 5.17 13.06
N ILE A 255 28.02 4.71 14.20
CA ILE A 255 29.37 4.14 14.18
C ILE A 255 29.40 2.92 13.29
N ALA A 256 28.40 2.05 13.42
CA ALA A 256 28.37 0.80 12.67
C ALA A 256 28.22 1.06 11.18
N LEU A 257 27.42 2.06 10.81
CA LEU A 257 27.28 2.39 9.40
C LEU A 257 28.54 3.03 8.84
N ARG A 258 29.12 3.99 9.57
CA ARG A 258 30.34 4.65 9.11
C ARG A 258 31.50 3.67 8.97
N TYR A 259 31.56 2.68 9.84
CA TYR A 259 32.57 1.63 9.74
C TYR A 259 32.56 1.01 8.34
N GLN A 260 31.37 0.65 7.85
CA GLN A 260 31.28 0.05 6.54
C GLN A 260 31.70 1.01 5.45
N LEU A 261 31.26 2.27 5.53
CA LEU A 261 31.59 3.22 4.48
C LEU A 261 33.10 3.39 4.35
N GLN A 262 33.83 3.40 5.47
CA GLN A 262 35.27 3.66 5.39
C GLN A 262 36.08 2.42 4.97
N ARG A 263 35.48 1.23 4.98
CA ARG A 263 36.18 0.05 4.50
C ARG A 263 35.75 -0.32 3.08
N GLY A 264 35.04 0.57 2.39
CA GLY A 264 34.65 0.37 1.01
C GLY A 264 33.44 -0.50 0.82
N VAL A 265 32.61 -0.65 1.84
CA VAL A 265 31.39 -1.45 1.79
C VAL A 265 30.20 -0.51 1.61
N VAL A 266 29.30 -0.85 0.68
CA VAL A 266 28.01 -0.16 0.57
C VAL A 266 27.09 -0.72 1.65
N VAL A 267 26.44 0.16 2.40
CA VAL A 267 25.76 -0.27 3.62
C VAL A 267 24.26 0.04 3.53
N LEU A 268 23.45 -0.95 3.90
CA LEU A 268 22.01 -0.77 4.02
C LEU A 268 21.66 -0.49 5.48
N ALA A 269 20.55 0.22 5.68
CA ALA A 269 20.05 0.51 7.02
C ALA A 269 18.54 0.48 6.96
N LYS A 270 17.91 -0.47 7.65
CA LYS A 270 16.46 -0.47 7.77
C LYS A 270 16.04 0.31 9.00
N SER A 271 15.08 1.23 8.83
CA SER A 271 14.39 1.83 9.97
C SER A 271 12.98 2.16 9.50
N TYR A 272 11.99 1.83 10.31
CA TYR A 272 10.63 2.29 10.08
C TYR A 272 10.27 3.41 11.04
N ASN A 273 11.27 4.10 11.56
CA ASN A 273 11.09 5.19 12.53
C ASN A 273 11.59 6.49 11.91
N GLU A 274 10.70 7.50 11.84
CA GLU A 274 11.05 8.73 11.13
C GLU A 274 12.35 9.35 11.65
N GLN A 275 12.52 9.41 12.96
CA GLN A 275 13.73 10.07 13.46
C GLN A 275 14.98 9.24 13.24
N ARG A 276 14.87 7.91 13.32
CA ARG A 276 16.07 7.11 13.08
C ARG A 276 16.42 7.10 11.60
N ILE A 277 15.40 7.14 10.73
CA ILE A 277 15.66 7.27 9.30
C ILE A 277 16.51 8.49 9.02
N ARG A 278 16.11 9.64 9.59
CA ARG A 278 16.83 10.87 9.36
C ARG A 278 18.20 10.86 10.04
N GLN A 279 18.32 10.18 11.17
CA GLN A 279 19.62 10.04 11.83
C GLN A 279 20.61 9.28 10.94
N ASN A 280 20.15 8.21 10.30
CA ASN A 280 21.11 7.37 9.58
C ASN A 280 21.76 8.11 8.42
N VAL A 281 21.10 9.10 7.81
CA VAL A 281 21.77 9.81 6.72
C VAL A 281 22.88 10.71 7.24
N GLN A 282 22.97 10.90 8.55
CA GLN A 282 24.09 11.66 9.12
C GLN A 282 25.40 10.89 9.10
N VAL A 283 25.42 9.67 8.58
CA VAL A 283 26.66 8.91 8.50
C VAL A 283 27.71 9.67 7.70
N PHE A 284 27.28 10.55 6.79
CA PHE A 284 28.22 11.29 5.96
C PHE A 284 28.83 12.49 6.67
N GLU A 285 28.41 12.78 7.90
CA GLU A 285 28.78 14.03 8.56
C GLU A 285 30.00 13.92 9.48
N PHE A 286 30.53 12.72 9.70
CA PHE A 286 31.68 12.56 10.60
C PHE A 286 32.57 11.44 10.05
N GLN A 287 33.75 11.28 10.65
CA GLN A 287 34.70 10.25 10.24
C GLN A 287 35.26 9.51 11.45
N LEU A 288 35.51 8.22 11.26
CA LEU A 288 36.23 7.41 12.25
C LEU A 288 37.73 7.47 11.98
N THR A 289 38.52 7.48 13.06
CA THR A 289 39.96 7.46 12.89
C THR A 289 40.42 6.06 12.48
N ALA A 290 41.63 6.01 11.93
CA ALA A 290 42.23 4.71 11.59
C ALA A 290 42.30 3.80 12.80
N GLU A 291 42.51 4.37 13.98
CA GLU A 291 42.55 3.56 15.20
C GLU A 291 41.16 3.08 15.59
N ASP A 292 40.14 3.95 15.41
CA ASP A 292 38.76 3.53 15.60
C ASP A 292 38.42 2.32 14.74
N MET A 293 38.87 2.34 13.48
CA MET A 293 38.56 1.28 12.54
C MET A 293 39.19 -0.04 12.95
N LYS A 294 40.44 0.00 13.42
CA LYS A 294 41.07 -1.23 13.91
C LYS A 294 40.34 -1.74 15.14
N ALA A 295 39.89 -0.84 16.02
CA ALA A 295 39.18 -1.28 17.21
C ALA A 295 37.89 -2.00 16.84
N ILE A 296 37.16 -1.49 15.85
CA ILE A 296 35.95 -2.18 15.42
C ILE A 296 36.29 -3.49 14.72
N ASP A 297 37.38 -3.51 13.95
CA ASP A 297 37.83 -4.75 13.29
C ASP A 297 38.01 -5.87 14.30
N GLY A 298 38.34 -5.54 15.54
CA GLY A 298 38.60 -6.51 16.58
C GLY A 298 37.37 -7.17 17.16
N LEU A 299 36.18 -6.72 16.79
CA LEU A 299 34.95 -7.22 17.38
C LEU A 299 34.41 -8.48 16.71
N ASP A 300 34.97 -8.91 15.60
CA ASP A 300 34.39 -10.02 14.84
C ASP A 300 34.26 -11.28 15.71
N ARG A 301 33.06 -11.86 15.70
CA ARG A 301 32.76 -13.06 16.48
C ARG A 301 32.26 -14.20 15.61
N ASN A 302 32.33 -14.05 14.29
CA ASN A 302 31.73 -14.99 13.34
C ASN A 302 30.26 -15.24 13.67
N LEU A 303 29.53 -14.17 13.98
CA LEU A 303 28.15 -14.28 14.46
C LEU A 303 27.19 -14.02 13.32
N HIS A 304 26.43 -15.04 12.93
CA HIS A 304 25.35 -14.93 11.97
C HIS A 304 24.06 -14.76 12.73
N TYR A 305 23.32 -13.67 12.47
CA TYR A 305 22.15 -13.44 13.30
C TYR A 305 21.00 -14.40 12.99
N PHE A 306 21.00 -15.05 11.83
CA PHE A 306 19.91 -15.93 11.41
C PHE A 306 20.25 -17.37 11.78
N ASN A 307 19.34 -18.04 12.50
CA ASN A 307 19.53 -19.45 12.80
C ASN A 307 19.34 -20.26 11.53
N SER A 308 20.43 -20.78 10.98
CA SER A 308 20.44 -21.43 9.67
C SER A 308 20.55 -22.95 9.76
N ASP A 309 20.24 -23.53 10.92
CA ASP A 309 20.39 -24.98 11.08
C ASP A 309 19.56 -25.75 10.05
N SER A 310 18.34 -25.29 9.79
CA SER A 310 17.46 -25.97 8.85
C SER A 310 17.95 -25.87 7.40
N PHE A 311 18.95 -25.04 7.14
CA PHE A 311 19.53 -24.92 5.81
C PHE A 311 20.96 -25.42 5.74
N ALA A 312 21.54 -25.82 6.88
CA ALA A 312 22.94 -26.23 6.87
C ALA A 312 23.21 -27.41 5.95
N SER A 313 22.19 -28.21 5.65
CA SER A 313 22.37 -29.37 4.77
C SER A 313 22.18 -29.03 3.30
N HIS A 314 21.84 -27.79 2.99
CA HIS A 314 21.68 -27.40 1.60
C HIS A 314 23.02 -27.49 0.90
N PRO A 315 23.09 -28.13 -0.28
CA PRO A 315 24.35 -28.18 -1.03
C PRO A 315 24.98 -26.83 -1.26
N ASN A 316 24.19 -25.76 -1.39
CA ASN A 316 24.72 -24.43 -1.61
C ASN A 316 24.73 -23.58 -0.35
N TYR A 317 24.59 -24.19 0.82
CA TYR A 317 24.78 -23.49 2.08
C TYR A 317 26.10 -22.71 2.03
N PRO A 318 26.06 -21.40 2.22
CA PRO A 318 27.27 -20.58 1.97
C PRO A 318 28.31 -20.59 3.09
N TYR A 319 27.97 -21.07 4.28
CA TYR A 319 28.84 -20.85 5.44
C TYR A 319 29.60 -22.09 5.88
N SER A 320 29.76 -23.07 4.99
CA SER A 320 30.65 -24.20 5.31
C SER A 320 32.10 -23.87 4.99
N ASP A 321 32.34 -23.01 4.02
CA ASP A 321 33.68 -22.61 3.63
C ASP A 321 34.22 -21.57 4.61
N GLU A 322 35.55 -21.47 4.66
CA GLU A 322 36.18 -20.46 5.50
C GLU A 322 35.62 -19.07 5.19
N TYR A 323 35.44 -18.78 3.91
CA TYR A 323 34.73 -17.58 3.44
C TYR A 323 34.35 -17.78 1.97
N GLN B 6 -8.81 21.26 -0.60
CA GLN B 6 -9.91 20.55 0.05
C GLN B 6 -10.28 19.30 -0.75
N CYS B 7 -9.31 18.80 -1.52
CA CYS B 7 -9.50 17.62 -2.35
C CYS B 7 -8.39 16.63 -2.05
N VAL B 8 -8.61 15.40 -2.49
CA VAL B 8 -7.58 14.37 -2.45
C VAL B 8 -7.36 13.90 -3.88
N LYS B 9 -6.10 13.60 -4.21
CA LYS B 9 -5.75 13.11 -5.54
C LYS B 9 -5.99 11.60 -5.62
N LEU B 10 -6.81 11.19 -6.58
CA LEU B 10 -7.10 9.78 -6.78
C LEU B 10 -5.98 9.13 -7.61
N ASN B 11 -5.98 7.80 -7.61
CA ASN B 11 -4.90 7.06 -8.26
C ASN B 11 -4.96 7.12 -9.77
N ASP B 12 -6.02 7.68 -10.36
CA ASP B 12 -6.07 7.93 -11.79
C ASP B 12 -5.78 9.40 -12.13
N GLY B 13 -5.39 10.21 -11.15
CA GLY B 13 -5.00 11.59 -11.39
C GLY B 13 -6.10 12.62 -11.21
N HIS B 14 -7.36 12.20 -11.11
CA HIS B 14 -8.44 13.13 -10.82
C HIS B 14 -8.46 13.47 -9.34
N PHE B 15 -9.24 14.49 -8.99
CA PHE B 15 -9.32 14.99 -7.62
C PHE B 15 -10.76 14.91 -7.10
N MET B 16 -10.89 14.47 -5.87
CA MET B 16 -12.18 14.29 -5.22
C MET B 16 -12.27 15.21 -4.01
N PRO B 17 -13.27 16.06 -3.90
CA PRO B 17 -13.42 16.88 -2.70
C PRO B 17 -13.66 15.99 -1.48
N VAL B 18 -13.03 16.34 -0.37
CA VAL B 18 -13.00 15.42 0.77
C VAL B 18 -14.28 15.43 1.59
N LEU B 19 -15.17 16.40 1.39
CA LEU B 19 -16.48 16.41 2.02
C LEU B 19 -17.55 16.26 0.94
N GLY B 20 -18.43 15.27 1.11
CA GLY B 20 -19.46 14.99 0.12
C GLY B 20 -20.86 15.06 0.71
N PHE B 21 -21.82 15.47 -0.12
CA PHE B 21 -23.21 15.56 0.30
C PHE B 21 -23.93 14.26 -0.04
N GLY B 22 -24.51 13.60 0.96
CA GLY B 22 -25.28 12.39 0.74
C GLY B 22 -26.72 12.76 0.38
N THR B 23 -27.24 12.14 -0.68
CA THR B 23 -28.57 12.50 -1.18
C THR B 23 -29.66 11.46 -0.94
N TYR B 24 -29.36 10.30 -0.35
CA TYR B 24 -30.42 9.32 -0.19
C TYR B 24 -31.47 9.82 0.80
N ALA B 25 -32.72 9.76 0.40
CA ALA B 25 -33.85 9.93 1.30
C ALA B 25 -34.84 8.79 1.07
N PRO B 26 -35.50 8.31 2.12
CA PRO B 26 -36.44 7.19 1.96
C PRO B 26 -37.58 7.56 1.03
N PRO B 27 -38.31 6.57 0.50
CA PRO B 27 -39.33 6.86 -0.51
C PRO B 27 -40.46 7.77 -0.03
N GLU B 28 -40.73 7.82 1.27
CA GLU B 28 -41.75 8.72 1.78
C GLU B 28 -41.45 10.17 1.43
N VAL B 29 -40.18 10.55 1.44
CA VAL B 29 -39.78 11.94 1.18
C VAL B 29 -40.12 12.30 -0.26
N PRO B 30 -40.85 13.39 -0.51
CA PRO B 30 -41.17 13.76 -1.89
C PRO B 30 -39.92 14.03 -2.70
N ARG B 31 -39.96 13.62 -3.97
CA ARG B 31 -38.79 13.74 -4.84
C ARG B 31 -38.34 15.19 -4.98
N SER B 32 -39.26 16.15 -4.87
CA SER B 32 -38.88 17.55 -5.00
C SER B 32 -37.85 17.96 -3.95
N LYS B 33 -37.81 17.28 -2.81
CA LYS B 33 -36.88 17.65 -1.75
C LYS B 33 -35.42 17.48 -2.18
N ALA B 34 -35.10 16.43 -2.94
CA ALA B 34 -33.72 16.24 -3.39
C ALA B 34 -33.22 17.43 -4.19
N LEU B 35 -34.08 17.99 -5.04
CA LEU B 35 -33.69 19.19 -5.79
C LEU B 35 -33.39 20.34 -4.85
N GLU B 36 -34.31 20.61 -3.92
CA GLU B 36 -34.18 21.75 -3.01
C GLU B 36 -32.92 21.62 -2.15
N VAL B 37 -32.69 20.46 -1.55
CA VAL B 37 -31.56 20.35 -0.62
C VAL B 37 -30.23 20.27 -1.34
N THR B 38 -30.18 19.70 -2.56
CA THR B 38 -28.91 19.68 -3.26
C THR B 38 -28.49 21.08 -3.67
N LYS B 39 -29.44 21.91 -4.12
CA LYS B 39 -29.12 23.32 -4.33
C LYS B 39 -28.61 23.97 -3.04
N LEU B 40 -29.27 23.69 -1.91
CA LEU B 40 -28.84 24.28 -0.64
C LEU B 40 -27.45 23.81 -0.27
N ALA B 41 -27.14 22.54 -0.58
CA ALA B 41 -25.83 22.00 -0.28
C ALA B 41 -24.75 22.69 -1.12
N ILE B 42 -25.01 22.90 -2.41
CA ILE B 42 -24.03 23.59 -3.24
C ILE B 42 -23.88 25.04 -2.77
N GLU B 43 -24.98 25.67 -2.42
CA GLU B 43 -24.92 27.05 -1.92
C GLU B 43 -24.08 27.14 -0.65
N ALA B 44 -24.17 26.13 0.21
CA ALA B 44 -23.39 26.14 1.44
C ALA B 44 -21.91 25.83 1.20
N GLY B 45 -21.57 25.17 0.11
CA GLY B 45 -20.18 24.96 -0.22
C GLY B 45 -19.79 23.53 -0.55
N PHE B 46 -20.73 22.59 -0.45
CA PHE B 46 -20.48 21.23 -0.94
C PHE B 46 -20.19 21.25 -2.44
N ARG B 47 -19.16 20.50 -2.84
CA ARG B 47 -18.83 20.36 -4.25
C ARG B 47 -18.78 18.91 -4.68
N HIS B 48 -19.05 17.99 -3.77
CA HIS B 48 -19.04 16.55 -4.02
C HIS B 48 -20.45 16.08 -3.67
N ILE B 49 -21.14 15.48 -4.63
CA ILE B 49 -22.54 15.09 -4.48
C ILE B 49 -22.64 13.60 -4.75
N ASP B 50 -23.22 12.86 -3.80
CA ASP B 50 -23.28 11.40 -3.88
C ASP B 50 -24.72 10.95 -4.14
N SER B 51 -24.94 10.33 -5.30
CA SER B 51 -26.24 9.77 -5.63
C SER B 51 -26.09 8.34 -6.13
N ALA B 52 -27.15 7.78 -6.72
CA ALA B 52 -27.15 6.40 -7.17
C ALA B 52 -28.45 6.12 -7.90
N HIS B 53 -28.40 5.10 -8.78
CA HIS B 53 -29.62 4.64 -9.41
C HIS B 53 -30.65 4.25 -8.36
N LEU B 54 -30.20 3.60 -7.28
CA LEU B 54 -31.08 3.13 -6.23
C LEU B 54 -31.92 4.24 -5.64
N TYR B 55 -31.38 5.46 -5.57
CA TYR B 55 -31.99 6.51 -4.77
C TYR B 55 -33.18 7.16 -5.44
N ASN B 56 -33.43 6.86 -6.70
CA ASN B 56 -34.58 7.41 -7.42
C ASN B 56 -34.62 8.93 -7.26
N ASN B 57 -33.46 9.57 -7.43
CA ASN B 57 -33.40 11.02 -7.33
C ASN B 57 -32.43 11.65 -8.33
N GLU B 58 -31.89 10.88 -9.28
CA GLU B 58 -30.89 11.45 -10.19
C GLU B 58 -31.47 12.57 -11.05
N GLU B 59 -32.73 12.48 -11.43
CA GLU B 59 -33.34 13.62 -12.13
C GLU B 59 -33.22 14.89 -11.29
N GLN B 60 -33.61 14.81 -10.02
CA GLN B 60 -33.64 16.00 -9.18
C GLN B 60 -32.24 16.47 -8.80
N VAL B 61 -31.33 15.55 -8.49
CA VAL B 61 -29.97 15.96 -8.17
C VAL B 61 -29.30 16.60 -9.39
N GLY B 62 -29.51 16.02 -10.57
CA GLY B 62 -28.98 16.65 -11.77
C GLY B 62 -29.55 18.04 -12.02
N LEU B 63 -30.86 18.20 -11.78
CA LEU B 63 -31.49 19.52 -11.92
C LEU B 63 -30.84 20.54 -11.00
N ALA B 64 -30.49 20.11 -9.79
CA ALA B 64 -29.86 21.01 -8.84
C ALA B 64 -28.47 21.43 -9.32
N ILE B 65 -27.69 20.47 -9.81
CA ILE B 65 -26.38 20.80 -10.38
C ILE B 65 -26.57 21.76 -11.55
N ARG B 66 -27.49 21.44 -12.46
CA ARG B 66 -27.69 22.29 -13.62
C ARG B 66 -28.22 23.67 -13.22
N SER B 67 -29.01 23.74 -12.14
CA SER B 67 -29.51 25.02 -11.68
C SER B 67 -28.39 25.93 -11.17
N LYS B 68 -27.46 25.37 -10.40
CA LYS B 68 -26.38 26.19 -9.85
C LYS B 68 -25.35 26.53 -10.92
N ILE B 69 -25.28 25.76 -12.00
CA ILE B 69 -24.48 26.15 -13.15
C ILE B 69 -25.18 27.27 -13.91
N ALA B 70 -26.50 27.13 -14.12
CA ALA B 70 -27.22 28.14 -14.88
C ALA B 70 -27.24 29.48 -14.15
N ASP B 71 -27.27 29.49 -12.82
CA ASP B 71 -27.31 30.77 -12.13
C ASP B 71 -25.93 31.37 -11.91
N GLY B 72 -24.88 30.72 -12.42
CA GLY B 72 -23.54 31.26 -12.39
C GLY B 72 -22.74 30.96 -11.14
N SER B 73 -23.29 30.15 -10.22
CA SER B 73 -22.60 29.90 -8.95
C SER B 73 -21.38 29.00 -9.14
N VAL B 74 -21.48 28.02 -10.03
CA VAL B 74 -20.44 27.01 -10.24
C VAL B 74 -20.39 26.67 -11.72
N LYS B 75 -19.26 26.10 -12.13
CA LYS B 75 -19.10 25.45 -13.41
C LYS B 75 -19.23 23.94 -13.22
N ARG B 76 -19.53 23.22 -14.31
CA ARG B 76 -19.63 21.78 -14.22
C ARG B 76 -18.34 21.16 -13.68
N GLU B 77 -17.19 21.73 -14.06
CA GLU B 77 -15.90 21.21 -13.61
C GLU B 77 -15.66 21.43 -12.12
N ASP B 78 -16.46 22.27 -11.46
CA ASP B 78 -16.36 22.49 -10.01
C ASP B 78 -17.12 21.45 -9.20
N ILE B 79 -18.00 20.69 -9.83
CA ILE B 79 -18.86 19.73 -9.14
C ILE B 79 -18.28 18.34 -9.37
N PHE B 80 -18.16 17.56 -8.29
CA PHE B 80 -17.80 16.16 -8.34
C PHE B 80 -19.06 15.34 -8.11
N TYR B 81 -19.59 14.73 -9.17
CA TYR B 81 -20.86 14.01 -9.07
C TYR B 81 -20.64 12.50 -9.17
N THR B 82 -21.14 11.77 -8.18
CA THR B 82 -21.05 10.31 -8.12
C THR B 82 -22.41 9.67 -8.39
N SER B 83 -22.44 8.63 -9.22
CA SER B 83 -23.58 7.73 -9.24
C SER B 83 -23.07 6.31 -9.08
N LYS B 84 -24.01 5.37 -8.97
CA LYS B 84 -23.66 3.99 -8.65
C LYS B 84 -24.46 3.03 -9.50
N LEU B 85 -23.78 1.99 -9.95
CA LEU B 85 -24.39 0.88 -10.69
C LEU B 85 -25.13 -0.01 -9.69
N TRP B 86 -26.44 -0.15 -9.87
CA TRP B 86 -27.17 -0.96 -8.91
C TRP B 86 -26.94 -2.45 -9.19
N SER B 87 -27.18 -3.27 -8.17
CA SER B 87 -26.78 -4.66 -8.16
C SER B 87 -27.58 -5.55 -9.10
N THR B 88 -28.65 -5.07 -9.70
CA THR B 88 -29.34 -5.83 -10.74
C THR B 88 -28.73 -5.58 -12.12
N PHE B 89 -27.68 -4.75 -12.20
CA PHE B 89 -27.06 -4.42 -13.47
C PHE B 89 -25.59 -4.84 -13.49
N HIS B 90 -25.22 -5.88 -12.73
CA HIS B 90 -23.83 -6.30 -12.67
C HIS B 90 -23.40 -7.01 -13.94
N ARG B 91 -24.32 -7.66 -14.63
CA ARG B 91 -23.94 -8.38 -15.83
C ARG B 91 -23.34 -7.40 -16.83
N PRO B 92 -22.19 -7.73 -17.45
CA PRO B 92 -21.39 -6.68 -18.09
C PRO B 92 -22.11 -5.94 -19.21
N GLU B 93 -22.96 -6.61 -19.98
CA GLU B 93 -23.67 -5.93 -21.05
C GLU B 93 -24.69 -4.93 -20.52
N LEU B 94 -25.01 -4.96 -19.23
CA LEU B 94 -25.94 -4.00 -18.63
C LEU B 94 -25.26 -2.77 -18.06
N VAL B 95 -23.92 -2.76 -17.98
CA VAL B 95 -23.23 -1.73 -17.22
C VAL B 95 -23.28 -0.39 -17.94
N ARG B 96 -22.80 -0.35 -19.18
CA ARG B 96 -22.83 0.91 -19.91
C ARG B 96 -24.24 1.45 -20.10
N PRO B 97 -25.26 0.65 -20.46
CA PRO B 97 -26.61 1.23 -20.55
C PRO B 97 -27.13 1.76 -19.22
N ALA B 98 -26.75 1.14 -18.09
CA ALA B 98 -27.19 1.68 -16.80
C ALA B 98 -26.57 3.04 -16.53
N LEU B 99 -25.29 3.21 -16.86
CA LEU B 99 -24.67 4.52 -16.71
C LEU B 99 -25.28 5.53 -17.65
N GLU B 100 -25.48 5.15 -18.91
CA GLU B 100 -26.10 6.07 -19.86
C GLU B 100 -27.49 6.49 -19.39
N ASN B 101 -28.23 5.59 -18.75
CA ASN B 101 -29.55 5.95 -18.25
C ASN B 101 -29.44 6.92 -17.07
N SER B 102 -28.45 6.69 -16.19
CA SER B 102 -28.19 7.61 -15.10
C SER B 102 -27.82 9.00 -15.63
N LEU B 103 -26.97 9.05 -16.67
CA LEU B 103 -26.60 10.34 -17.25
C LEU B 103 -27.81 11.01 -17.90
N LYS B 104 -28.69 10.23 -18.54
CA LYS B 104 -29.87 10.81 -19.17
C LYS B 104 -30.81 11.41 -18.14
N LYS B 105 -31.01 10.71 -17.03
CA LYS B 105 -31.83 11.22 -15.94
C LYS B 105 -31.25 12.51 -15.37
N ALA B 106 -29.94 12.54 -15.11
CA ALA B 106 -29.31 13.72 -14.54
C ALA B 106 -29.07 14.82 -15.57
N GLN B 107 -29.24 14.52 -16.85
CA GLN B 107 -28.87 15.41 -17.96
C GLN B 107 -27.45 15.94 -17.77
N LEU B 108 -26.53 15.02 -17.49
CA LEU B 108 -25.10 15.29 -17.44
C LEU B 108 -24.41 14.48 -18.54
N ASP B 109 -23.27 14.99 -19.02
CA ASP B 109 -22.53 14.29 -20.06
C ASP B 109 -21.60 13.23 -19.50
N TYR B 110 -21.19 13.38 -18.24
CA TYR B 110 -20.32 12.42 -17.58
C TYR B 110 -20.61 12.47 -16.09
N VAL B 111 -20.26 11.39 -15.40
CA VAL B 111 -20.17 11.42 -13.94
C VAL B 111 -18.70 11.51 -13.59
N ASP B 112 -18.40 12.19 -12.49
CA ASP B 112 -17.02 12.21 -12.03
C ASP B 112 -16.63 10.86 -11.47
N LEU B 113 -17.59 10.11 -10.95
CA LEU B 113 -17.29 8.84 -10.31
C LEU B 113 -18.48 7.92 -10.52
N TYR B 114 -18.20 6.70 -10.99
CA TYR B 114 -19.20 5.65 -11.10
C TYR B 114 -18.73 4.48 -10.24
N LEU B 115 -19.60 4.02 -9.33
CA LEU B 115 -19.26 2.94 -8.41
C LEU B 115 -20.11 1.70 -8.64
N ILE B 116 -19.50 0.52 -8.44
CA ILE B 116 -20.31 -0.66 -8.15
C ILE B 116 -20.89 -0.49 -6.75
N HIS B 117 -22.22 -0.40 -6.66
CA HIS B 117 -22.89 -0.04 -5.40
C HIS B 117 -22.64 -1.09 -4.32
N SER B 118 -22.63 -2.37 -4.70
CA SER B 118 -22.45 -3.46 -3.75
C SER B 118 -21.94 -4.67 -4.51
N PRO B 119 -21.12 -5.51 -3.89
CA PRO B 119 -20.72 -6.76 -4.57
C PRO B 119 -21.82 -7.81 -4.64
N MET B 120 -22.95 -7.61 -3.96
CA MET B 120 -23.98 -8.65 -3.85
C MET B 120 -24.96 -8.55 -5.02
N SER B 121 -24.62 -9.26 -6.09
CA SER B 121 -25.40 -9.22 -7.32
C SER B 121 -26.82 -9.73 -7.11
N LEU B 122 -27.78 -9.10 -7.79
CA LEU B 122 -29.17 -9.48 -7.73
C LEU B 122 -29.70 -9.78 -9.12
N LYS B 123 -30.83 -10.47 -9.15
CA LYS B 123 -31.45 -10.90 -10.40
C LYS B 123 -31.70 -9.69 -11.30
N PRO B 124 -31.29 -9.72 -12.56
CA PRO B 124 -31.58 -8.60 -13.46
C PRO B 124 -33.08 -8.48 -13.72
N GLY B 125 -33.50 -7.26 -13.99
CA GLY B 125 -34.90 -6.97 -14.26
C GLY B 125 -35.23 -5.55 -13.90
N GLU B 126 -36.53 -5.27 -13.87
CA GLU B 126 -37.02 -3.92 -13.58
C GLU B 126 -36.98 -3.62 -12.09
N GLU B 127 -37.24 -4.63 -11.26
CA GLU B 127 -37.35 -4.40 -9.82
C GLU B 127 -35.98 -4.11 -9.22
N LEU B 128 -35.92 -3.07 -8.38
CA LEU B 128 -34.71 -2.84 -7.59
C LEU B 128 -34.46 -3.98 -6.62
N SER B 129 -35.53 -4.59 -6.10
CA SER B 129 -35.44 -5.70 -5.15
C SER B 129 -36.23 -6.88 -5.68
N PRO B 130 -35.63 -7.69 -6.56
CA PRO B 130 -36.35 -8.85 -7.09
C PRO B 130 -36.60 -9.88 -5.99
N THR B 131 -37.86 -10.31 -5.84
CA THR B 131 -38.21 -11.26 -4.80
C THR B 131 -39.02 -12.41 -5.38
N ASP B 132 -38.92 -13.58 -4.75
CA ASP B 132 -39.65 -14.77 -5.19
C ASP B 132 -41.03 -14.80 -4.54
N GLU B 133 -41.70 -15.95 -4.62
CA GLU B 133 -43.08 -16.06 -4.13
C GLU B 133 -43.16 -15.79 -2.63
N ASN B 134 -42.19 -16.28 -1.87
CA ASN B 134 -42.18 -16.12 -0.42
C ASN B 134 -41.49 -14.84 0.02
N GLY B 135 -41.37 -13.85 -0.87
CA GLY B 135 -40.79 -12.57 -0.51
C GLY B 135 -39.30 -12.58 -0.26
N LYS B 136 -38.59 -13.64 -0.66
CA LYS B 136 -37.15 -13.73 -0.51
C LYS B 136 -36.45 -13.07 -1.70
N VAL B 137 -35.43 -12.25 -1.40
CA VAL B 137 -34.68 -11.60 -2.46
C VAL B 137 -33.95 -12.63 -3.31
N ILE B 138 -33.90 -12.40 -4.61
CA ILE B 138 -33.31 -13.34 -5.55
C ILE B 138 -31.90 -12.88 -5.90
N PHE B 139 -30.92 -13.71 -5.57
CA PHE B 139 -29.51 -13.41 -5.87
C PHE B 139 -29.17 -13.77 -7.31
N ASP B 140 -28.04 -13.21 -7.79
CA ASP B 140 -27.47 -13.55 -9.08
C ASP B 140 -25.99 -13.85 -8.90
N ILE B 141 -25.45 -14.72 -9.76
CA ILE B 141 -24.04 -15.07 -9.73
C ILE B 141 -23.37 -14.37 -10.90
N VAL B 142 -22.51 -13.41 -10.61
CA VAL B 142 -21.82 -12.62 -11.61
C VAL B 142 -20.34 -12.52 -11.24
N ASP B 143 -19.48 -12.76 -12.21
CA ASP B 143 -18.04 -12.55 -12.07
C ASP B 143 -17.79 -11.05 -12.05
N LEU B 144 -17.58 -10.50 -10.85
CA LEU B 144 -17.43 -9.05 -10.73
C LEU B 144 -16.21 -8.53 -11.49
N CYS B 145 -15.26 -9.40 -11.83
CA CYS B 145 -14.16 -8.96 -12.69
C CYS B 145 -14.66 -8.58 -14.08
N THR B 146 -15.71 -9.23 -14.58
CA THR B 146 -16.26 -8.82 -15.87
C THR B 146 -17.06 -7.55 -15.72
N THR B 147 -17.77 -7.40 -14.60
CA THR B 147 -18.41 -6.13 -14.30
C THR B 147 -17.39 -5.00 -14.30
N TRP B 148 -16.25 -5.21 -13.64
CA TRP B 148 -15.21 -4.20 -13.60
C TRP B 148 -14.70 -3.87 -15.00
N GLU B 149 -14.52 -4.88 -15.85
CA GLU B 149 -14.06 -4.61 -17.22
C GLU B 149 -15.04 -3.69 -17.93
N ALA B 150 -16.34 -3.91 -17.75
CA ALA B 150 -17.32 -3.01 -18.36
C ALA B 150 -17.27 -1.62 -17.75
N MET B 151 -16.98 -1.51 -16.44
CA MET B 151 -16.73 -0.19 -15.85
C MET B 151 -15.53 0.49 -16.49
N GLU B 152 -14.46 -0.27 -16.75
CA GLU B 152 -13.27 0.31 -17.36
C GLU B 152 -13.58 0.88 -18.74
N LYS B 153 -14.41 0.18 -19.53
CA LYS B 153 -14.82 0.68 -20.82
C LYS B 153 -15.60 1.99 -20.69
N CYS B 154 -16.36 2.14 -19.61
CA CYS B 154 -17.10 3.40 -19.40
C CYS B 154 -16.14 4.55 -19.16
N LYS B 155 -15.06 4.29 -18.40
CA LYS B 155 -14.03 5.31 -18.23
C LYS B 155 -13.36 5.64 -19.55
N ASP B 156 -13.06 4.61 -20.34
CA ASP B 156 -12.40 4.84 -21.63
C ASP B 156 -13.31 5.64 -22.57
N ALA B 157 -14.62 5.38 -22.51
CA ALA B 157 -15.58 6.13 -23.31
C ALA B 157 -15.78 7.56 -22.80
N GLY B 158 -15.29 7.87 -21.61
CA GLY B 158 -15.43 9.21 -21.08
C GLY B 158 -16.74 9.48 -20.37
N LEU B 159 -17.57 8.46 -20.19
CA LEU B 159 -18.82 8.60 -19.46
C LEU B 159 -18.61 8.72 -17.96
N ALA B 160 -17.50 8.18 -17.45
CA ALA B 160 -17.13 8.28 -16.04
C ALA B 160 -15.69 8.74 -15.97
N LYS B 161 -15.43 9.83 -15.24
CA LYS B 161 -14.05 10.29 -15.10
C LYS B 161 -13.23 9.29 -14.31
N SER B 162 -13.80 8.76 -13.23
CA SER B 162 -13.16 7.79 -12.37
C SER B 162 -14.16 6.68 -12.07
N ILE B 163 -13.63 5.49 -11.76
CA ILE B 163 -14.47 4.35 -11.41
C ILE B 163 -13.98 3.76 -10.10
N GLY B 164 -14.92 3.26 -9.30
CA GLY B 164 -14.59 2.71 -8.00
C GLY B 164 -15.63 1.69 -7.58
N VAL B 165 -15.57 1.28 -6.32
CA VAL B 165 -16.47 0.27 -5.78
C VAL B 165 -17.01 0.74 -4.45
N SER B 166 -17.97 0.00 -3.92
CA SER B 166 -18.59 0.32 -2.65
C SER B 166 -18.99 -0.98 -1.98
N ASN B 167 -18.80 -1.04 -0.66
CA ASN B 167 -19.17 -2.17 0.18
C ASN B 167 -18.33 -3.42 -0.11
N PHE B 168 -17.12 -3.25 -0.66
CA PHE B 168 -16.21 -4.38 -0.86
C PHE B 168 -15.38 -4.60 0.40
N ASN B 169 -15.07 -5.86 0.67
CA ASN B 169 -14.10 -6.16 1.71
C ASN B 169 -12.73 -6.37 1.08
N ARG B 170 -11.73 -6.74 1.89
CA ARG B 170 -10.36 -6.83 1.38
C ARG B 170 -10.24 -7.87 0.28
N ARG B 171 -10.84 -9.05 0.50
CA ARG B 171 -10.74 -10.13 -0.49
C ARG B 171 -11.39 -9.73 -1.81
N GLN B 172 -12.49 -8.98 -1.75
CA GLN B 172 -13.17 -8.56 -2.97
C GLN B 172 -12.36 -7.50 -3.71
N LEU B 173 -11.69 -6.60 -2.97
CA LEU B 173 -10.78 -5.66 -3.60
C LEU B 173 -9.62 -6.39 -4.26
N GLU B 174 -9.01 -7.33 -3.54
CA GLU B 174 -7.88 -8.05 -4.12
C GLU B 174 -8.28 -8.78 -5.39
N MET B 175 -9.52 -9.26 -5.46
CA MET B 175 -9.99 -9.94 -6.67
C MET B 175 -9.96 -9.00 -7.88
N ILE B 176 -10.36 -7.74 -7.69
CA ILE B 176 -10.23 -6.76 -8.76
C ILE B 176 -8.77 -6.39 -8.97
N LEU B 177 -8.06 -6.11 -7.87
CA LEU B 177 -6.69 -5.61 -7.96
C LEU B 177 -5.77 -6.63 -8.62
N ASN B 178 -6.05 -7.91 -8.45
CA ASN B 178 -5.24 -8.97 -9.03
C ASN B 178 -5.84 -9.54 -10.31
N LYS B 179 -6.86 -8.90 -10.86
CA LYS B 179 -7.43 -9.32 -12.12
C LYS B 179 -6.36 -9.29 -13.21
N PRO B 180 -6.21 -10.35 -14.01
CA PRO B 180 -5.29 -10.26 -15.13
C PRO B 180 -5.79 -9.25 -16.15
N GLY B 181 -4.85 -8.47 -16.68
CA GLY B 181 -5.21 -7.46 -17.65
C GLY B 181 -5.86 -6.23 -17.06
N LEU B 182 -5.82 -6.05 -15.75
CA LEU B 182 -6.41 -4.88 -15.11
C LEU B 182 -5.92 -3.61 -15.78
N LYS B 183 -6.87 -2.74 -16.16
CA LYS B 183 -6.50 -1.44 -16.71
C LYS B 183 -6.56 -0.33 -15.68
N TYR B 184 -7.58 -0.30 -14.83
CA TYR B 184 -7.80 0.78 -13.89
C TYR B 184 -8.14 0.20 -12.52
N LYS B 185 -7.34 0.54 -11.52
CA LYS B 185 -7.72 0.23 -10.16
C LYS B 185 -8.98 1.02 -9.79
N PRO B 186 -9.78 0.52 -8.85
CA PRO B 186 -10.78 1.39 -8.24
C PRO B 186 -10.09 2.57 -7.58
N VAL B 187 -10.67 3.76 -7.74
CA VAL B 187 -10.11 4.90 -7.04
C VAL B 187 -10.51 4.90 -5.58
N CYS B 188 -11.57 4.19 -5.23
CA CYS B 188 -12.11 4.31 -3.89
C CYS B 188 -12.94 3.08 -3.57
N ASN B 189 -13.20 2.91 -2.28
CA ASN B 189 -14.12 1.92 -1.75
C ASN B 189 -15.00 2.67 -0.76
N GLN B 190 -16.27 2.91 -1.14
CA GLN B 190 -17.20 3.61 -0.27
C GLN B 190 -17.86 2.60 0.66
N VAL B 191 -17.68 2.80 1.97
CA VAL B 191 -18.09 1.80 2.96
C VAL B 191 -18.69 2.52 4.17
N GLU B 192 -19.44 1.77 4.97
CA GLU B 192 -19.91 2.29 6.24
C GLU B 192 -18.72 2.57 7.15
N CYS B 193 -18.64 3.79 7.69
CA CYS B 193 -17.46 4.14 8.47
C CYS B 193 -17.81 5.29 9.41
N HIS B 194 -17.62 5.06 10.71
CA HIS B 194 -17.99 6.00 11.75
C HIS B 194 -17.29 5.56 13.03
N PRO B 195 -17.30 6.40 14.07
CA PRO B 195 -16.54 6.05 15.29
C PRO B 195 -16.91 4.70 15.91
N TYR B 196 -18.10 4.16 15.66
CA TYR B 196 -18.45 2.86 16.22
C TYR B 196 -18.06 1.70 15.32
N PHE B 197 -17.59 1.99 14.12
CA PHE B 197 -17.20 1.00 13.11
C PHE B 197 -16.20 1.69 12.19
N ASN B 198 -14.98 1.92 12.67
CA ASN B 198 -14.10 2.87 12.00
C ASN B 198 -13.24 2.24 10.90
N ARG B 199 -13.32 0.91 10.71
CA ARG B 199 -12.72 0.25 9.55
C ARG B 199 -11.21 0.45 9.47
N SER B 200 -10.55 0.52 10.64
CA SER B 200 -9.14 0.89 10.65
C SER B 200 -8.31 -0.09 9.82
N LYS B 201 -8.63 -1.39 9.87
CA LYS B 201 -7.84 -2.37 9.12
C LYS B 201 -8.08 -2.25 7.62
N LEU B 202 -9.36 -2.10 7.23
CA LEU B 202 -9.65 -1.89 5.81
C LEU B 202 -9.04 -0.58 5.31
N LEU B 203 -9.13 0.48 6.13
CA LEU B 203 -8.51 1.75 5.77
C LEU B 203 -7.03 1.58 5.50
N ASP B 204 -6.35 0.86 6.38
CA ASP B 204 -4.92 0.62 6.19
C ASP B 204 -4.65 -0.16 4.90
N PHE B 205 -5.48 -1.17 4.62
CA PHE B 205 -5.35 -1.91 3.37
C PHE B 205 -5.54 -1.00 2.16
N CYS B 206 -6.60 -0.19 2.18
CA CYS B 206 -6.82 0.72 1.07
C CYS B 206 -5.64 1.67 0.89
N LYS B 207 -5.12 2.20 2.00
CA LYS B 207 -3.96 3.09 1.91
C LYS B 207 -2.78 2.37 1.25
N SER B 208 -2.54 1.10 1.60
CA SER B 208 -1.44 0.36 1.00
C SER B 208 -1.63 0.14 -0.50
N LYS B 209 -2.85 0.30 -1.01
CA LYS B 209 -3.15 0.02 -2.41
C LYS B 209 -3.49 1.27 -3.20
N ASP B 210 -3.27 2.47 -2.63
CA ASP B 210 -3.57 3.74 -3.30
C ASP B 210 -5.06 3.85 -3.61
N ILE B 211 -5.90 3.35 -2.70
CA ILE B 211 -7.35 3.41 -2.81
C ILE B 211 -7.88 4.30 -1.70
N VAL B 212 -8.77 5.24 -2.04
CA VAL B 212 -9.36 6.10 -1.02
C VAL B 212 -10.53 5.38 -0.36
N LEU B 213 -10.61 5.46 0.97
CA LEU B 213 -11.81 5.03 1.66
C LEU B 213 -12.78 6.22 1.77
N VAL B 214 -14.02 6.01 1.33
CA VAL B 214 -15.06 7.04 1.45
C VAL B 214 -16.08 6.56 2.48
N ALA B 215 -16.35 7.38 3.49
CA ALA B 215 -17.21 6.96 4.59
C ALA B 215 -18.66 7.32 4.33
N TYR B 216 -19.55 6.34 4.43
CA TYR B 216 -20.97 6.62 4.51
C TYR B 216 -21.49 6.25 5.89
N SER B 217 -22.69 6.76 6.19
CA SER B 217 -23.28 6.70 7.53
C SER B 217 -22.29 7.22 8.58
N ALA B 218 -21.50 8.21 8.18
CA ALA B 218 -20.50 8.79 9.07
C ALA B 218 -21.11 9.54 10.23
N LEU B 219 -22.38 9.90 10.15
CA LEU B 219 -23.08 10.50 11.27
C LEU B 219 -23.96 9.49 12.02
N GLY B 220 -23.79 8.20 11.76
CA GLY B 220 -24.57 7.19 12.45
C GLY B 220 -25.78 6.67 11.69
N SER B 221 -25.90 7.01 10.40
CA SER B 221 -26.98 6.57 9.51
C SER B 221 -28.30 7.26 9.81
N GLN B 222 -29.27 7.10 8.91
CA GLN B 222 -30.59 7.69 9.07
C GLN B 222 -31.50 6.86 9.98
N ARG B 223 -31.00 5.73 10.49
CA ARG B 223 -31.74 4.90 11.43
C ARG B 223 -33.11 4.54 10.87
N ASP B 224 -33.10 4.08 9.61
CA ASP B 224 -34.33 3.68 8.93
C ASP B 224 -34.98 2.50 9.64
N LYS B 225 -36.29 2.63 9.90
CA LYS B 225 -37.02 1.57 10.60
C LYS B 225 -36.97 0.23 9.87
N ARG B 226 -36.70 0.24 8.56
CA ARG B 226 -36.67 -1.03 7.84
C ARG B 226 -35.38 -1.81 8.11
N TRP B 227 -34.30 -1.12 8.49
CA TRP B 227 -33.00 -1.76 8.55
C TRP B 227 -32.24 -1.57 9.86
N VAL B 228 -32.64 -0.64 10.72
CA VAL B 228 -31.81 -0.24 11.85
C VAL B 228 -32.45 -0.71 13.15
N ASP B 229 -31.67 -1.40 13.97
CA ASP B 229 -32.09 -1.81 15.29
C ASP B 229 -32.41 -0.58 16.14
N PRO B 230 -33.64 -0.44 16.63
CA PRO B 230 -33.97 0.77 17.41
C PRO B 230 -33.17 0.91 18.69
N ASN B 231 -32.71 -0.19 19.27
CA ASN B 231 -31.93 -0.16 20.50
C ASN B 231 -30.42 -0.08 20.24
N SER B 232 -30.00 0.13 18.99
CA SER B 232 -28.60 0.39 18.75
C SER B 232 -28.25 1.78 19.27
N PRO B 233 -27.01 2.00 19.69
CA PRO B 233 -26.65 3.33 20.21
C PRO B 233 -26.71 4.38 19.11
N VAL B 234 -27.30 5.53 19.46
CA VAL B 234 -27.35 6.68 18.57
C VAL B 234 -25.98 7.34 18.57
N LEU B 235 -25.31 7.37 17.41
CA LEU B 235 -23.92 7.82 17.38
C LEU B 235 -23.76 9.23 17.93
N LEU B 236 -24.65 10.15 17.52
CA LEU B 236 -24.49 11.55 17.86
C LEU B 236 -24.88 11.87 19.30
N GLU B 237 -25.32 10.88 20.08
CA GLU B 237 -25.51 11.03 21.51
C GLU B 237 -24.36 10.45 22.31
N ASP B 238 -23.26 10.07 21.64
CA ASP B 238 -22.16 9.44 22.35
C ASP B 238 -21.53 10.43 23.32
N PRO B 239 -21.25 10.01 24.55
CA PRO B 239 -20.69 10.96 25.54
C PRO B 239 -19.36 11.56 25.13
N VAL B 240 -18.49 10.77 24.50
CA VAL B 240 -17.19 11.28 24.09
C VAL B 240 -17.34 12.30 22.95
N LEU B 241 -18.17 11.99 21.96
CA LEU B 241 -18.40 12.97 20.90
C LEU B 241 -19.01 14.24 21.46
N CYS B 242 -19.94 14.12 22.41
CA CYS B 242 -20.58 15.29 22.97
C CYS B 242 -19.61 16.14 23.77
N ALA B 243 -18.71 15.51 24.52
CA ALA B 243 -17.71 16.26 25.27
C ALA B 243 -16.73 16.97 24.34
N LEU B 244 -16.30 16.29 23.27
CA LEU B 244 -15.42 16.94 22.29
C LEU B 244 -16.14 18.11 21.61
N ALA B 245 -17.44 17.95 21.35
CA ALA B 245 -18.20 19.04 20.74
C ALA B 245 -18.26 20.25 21.66
N LYS B 246 -18.45 20.02 22.97
CA LYS B 246 -18.49 21.12 23.92
C LYS B 246 -17.12 21.77 24.05
N LYS B 247 -16.05 20.98 23.97
CA LYS B 247 -14.71 21.52 24.10
C LYS B 247 -14.36 22.42 22.91
N HIS B 248 -14.70 22.00 21.70
CA HIS B 248 -14.37 22.74 20.50
C HIS B 248 -15.44 23.76 20.10
N LYS B 249 -16.53 23.85 20.86
CA LYS B 249 -17.66 24.72 20.53
C LYS B 249 -18.21 24.38 19.15
N ARG B 250 -18.35 23.07 18.90
CA ARG B 250 -18.96 22.57 17.66
C ARG B 250 -20.14 21.66 18.01
N THR B 251 -20.42 20.68 17.18
CA THR B 251 -21.51 19.74 17.42
C THR B 251 -20.99 18.31 17.28
N PRO B 252 -21.67 17.33 17.88
CA PRO B 252 -21.24 15.94 17.68
C PRO B 252 -21.07 15.56 16.21
N ALA B 253 -21.99 15.99 15.34
CA ALA B 253 -21.85 15.70 13.91
C ALA B 253 -20.54 16.23 13.36
N LEU B 254 -20.20 17.47 13.72
CA LEU B 254 -18.98 18.09 13.21
C LEU B 254 -17.73 17.36 13.71
N ILE B 255 -17.77 16.84 14.94
CA ILE B 255 -16.65 16.05 15.45
C ILE B 255 -16.49 14.77 14.62
N ALA B 256 -17.61 14.09 14.35
CA ALA B 256 -17.56 12.83 13.62
C ALA B 256 -17.05 13.03 12.19
N LEU B 257 -17.43 14.13 11.54
CA LEU B 257 -16.93 14.41 10.20
C LEU B 257 -15.45 14.75 10.23
N ARG B 258 -15.03 15.60 11.16
CA ARG B 258 -13.63 16.01 11.22
C ARG B 258 -12.74 14.82 11.52
N TYR B 259 -13.23 13.89 12.35
CA TYR B 259 -12.50 12.66 12.63
C TYR B 259 -12.09 11.96 11.33
N GLN B 260 -13.02 11.84 10.38
CA GLN B 260 -12.68 11.13 9.15
C GLN B 260 -11.66 11.90 8.34
N LEU B 261 -11.82 13.23 8.24
CA LEU B 261 -10.91 14.04 7.46
C LEU B 261 -9.48 13.90 7.98
N GLN B 262 -9.30 13.88 9.30
CA GLN B 262 -7.94 13.85 9.85
C GLN B 262 -7.31 12.47 9.82
N ARG B 263 -8.08 11.41 9.54
CA ARG B 263 -7.51 10.09 9.33
C ARG B 263 -7.42 9.71 7.84
N GLY B 264 -7.61 10.68 6.95
CA GLY B 264 -7.43 10.46 5.54
C GLY B 264 -8.61 9.83 4.84
N VAL B 265 -9.78 9.89 5.44
CA VAL B 265 -11.01 9.33 4.89
C VAL B 265 -11.82 10.46 4.28
N VAL B 266 -12.30 10.27 3.04
CA VAL B 266 -13.26 11.20 2.46
C VAL B 266 -14.62 10.89 3.07
N VAL B 267 -15.38 11.91 3.44
CA VAL B 267 -16.55 11.70 4.28
C VAL B 267 -17.78 12.28 3.60
N LEU B 268 -18.86 11.51 3.61
CA LEU B 268 -20.18 11.96 3.18
C LEU B 268 -21.00 12.40 4.38
N ALA B 269 -21.92 13.32 4.15
CA ALA B 269 -22.88 13.73 5.18
C ALA B 269 -24.22 13.99 4.51
N LYS B 270 -25.25 13.23 4.88
CA LYS B 270 -26.60 13.49 4.38
C LYS B 270 -27.34 14.39 5.37
N SER B 271 -27.95 15.45 4.86
CA SER B 271 -28.96 16.17 5.61
C SER B 271 -29.95 16.75 4.61
N TYR B 272 -31.23 16.62 4.93
CA TYR B 272 -32.27 17.31 4.19
C TYR B 272 -32.79 18.52 4.95
N ASN B 273 -32.03 18.97 5.95
CA ASN B 273 -32.38 20.12 6.79
C ASN B 273 -31.44 21.29 6.45
N GLU B 274 -32.01 22.43 6.05
CA GLU B 274 -31.19 23.55 5.60
C GLU B 274 -30.17 23.97 6.65
N GLN B 275 -30.57 24.01 7.93
CA GLN B 275 -29.64 24.47 8.95
C GLN B 275 -28.50 23.49 9.15
N ARG B 276 -28.79 22.19 9.13
CA ARG B 276 -27.73 21.22 9.32
C ARG B 276 -26.82 21.12 8.10
N ILE B 277 -27.37 21.32 6.90
CA ILE B 277 -26.53 21.41 5.71
C ILE B 277 -25.50 22.53 5.87
N ARG B 278 -25.96 23.71 6.32
CA ARG B 278 -25.06 24.84 6.47
C ARG B 278 -24.08 24.61 7.62
N GLN B 279 -24.50 23.87 8.64
CA GLN B 279 -23.61 23.56 9.75
C GLN B 279 -22.49 22.62 9.32
N ASN B 280 -22.79 21.63 8.48
CA ASN B 280 -21.82 20.58 8.22
C ASN B 280 -20.59 21.09 7.46
N VAL B 281 -20.71 22.17 6.69
CA VAL B 281 -19.53 22.67 6.01
C VAL B 281 -18.55 23.34 6.96
N GLN B 282 -18.94 23.56 8.23
CA GLN B 282 -17.99 24.07 9.21
C GLN B 282 -16.92 23.06 9.57
N VAL B 283 -16.96 21.85 9.00
CA VAL B 283 -15.94 20.85 9.32
C VAL B 283 -14.55 21.37 9.01
N PHE B 284 -14.43 22.32 8.08
CA PHE B 284 -13.12 22.83 7.70
C PHE B 284 -12.61 23.94 8.61
N GLU B 285 -13.39 24.35 9.60
CA GLU B 285 -13.09 25.54 10.39
C GLU B 285 -12.31 25.23 11.67
N PHE B 286 -12.07 23.97 11.99
CA PHE B 286 -11.44 23.64 13.26
C PHE B 286 -10.67 22.33 13.11
N GLN B 287 -9.84 22.03 14.11
CA GLN B 287 -9.03 20.82 14.10
C GLN B 287 -9.17 20.06 15.41
N LEU B 288 -9.10 18.74 15.32
CA LEU B 288 -9.01 17.86 16.48
C LEU B 288 -7.56 17.61 16.83
N THR B 289 -7.26 17.54 18.13
CA THR B 289 -5.91 17.24 18.53
C THR B 289 -5.62 15.75 18.33
N ALA B 290 -4.33 15.41 18.37
CA ALA B 290 -3.95 14.00 18.33
C ALA B 290 -4.61 13.22 19.46
N GLU B 291 -4.70 13.82 20.64
CA GLU B 291 -5.36 13.16 21.76
C GLU B 291 -6.86 13.02 21.51
N ASP B 292 -7.48 14.05 20.92
CA ASP B 292 -8.90 13.93 20.56
C ASP B 292 -9.12 12.75 19.61
N MET B 293 -8.22 12.58 18.63
CA MET B 293 -8.39 11.53 17.63
C MET B 293 -8.29 10.15 18.28
N LYS B 294 -7.38 9.99 19.24
CA LYS B 294 -7.29 8.71 19.93
C LYS B 294 -8.55 8.42 20.75
N ALA B 295 -9.14 9.46 21.35
CA ALA B 295 -10.38 9.26 22.09
C ALA B 295 -11.49 8.78 21.18
N ILE B 296 -11.61 9.36 19.99
CA ILE B 296 -12.61 8.88 19.04
C ILE B 296 -12.26 7.46 18.56
N ASP B 297 -10.98 7.19 18.27
CA ASP B 297 -10.54 5.84 17.94
C ASP B 297 -11.02 4.82 18.98
N GLY B 298 -11.05 5.23 20.24
CA GLY B 298 -11.45 4.33 21.31
C GLY B 298 -12.92 4.01 21.36
N LEU B 299 -13.73 4.60 20.49
CA LEU B 299 -15.15 4.29 20.45
C LEU B 299 -15.46 3.09 19.58
N ASP B 300 -14.49 2.58 18.83
CA ASP B 300 -14.72 1.52 17.86
C ASP B 300 -15.31 0.30 18.55
N ARG B 301 -16.42 -0.21 18.00
CA ARG B 301 -17.10 -1.36 18.60
C ARG B 301 -17.75 -2.27 17.58
N ASN B 302 -17.29 -2.25 16.33
CA ASN B 302 -17.76 -3.19 15.29
C ASN B 302 -19.28 -3.13 15.09
N LEU B 303 -19.85 -1.93 15.12
CA LEU B 303 -21.30 -1.76 15.05
C LEU B 303 -21.72 -1.50 13.61
N HIS B 304 -22.48 -2.44 13.04
CA HIS B 304 -23.09 -2.27 11.73
C HIS B 304 -24.47 -1.67 11.91
N TYR B 305 -24.71 -0.50 11.32
CA TYR B 305 -26.04 0.08 11.47
C TYR B 305 -27.07 -0.58 10.57
N PHE B 306 -26.68 -1.41 9.62
CA PHE B 306 -27.62 -2.12 8.77
C PHE B 306 -27.78 -3.54 9.28
N ASN B 307 -29.02 -3.95 9.52
CA ASN B 307 -29.32 -5.35 9.85
C ASN B 307 -29.24 -6.16 8.56
N SER B 308 -28.09 -6.78 8.33
CA SER B 308 -27.79 -7.44 7.07
C SER B 308 -28.02 -8.95 7.11
N ASP B 309 -28.73 -9.46 8.12
CA ASP B 309 -28.94 -10.90 8.20
C ASP B 309 -29.70 -11.45 7.00
N SER B 310 -30.41 -10.59 6.27
CA SER B 310 -31.14 -11.04 5.09
C SER B 310 -30.19 -11.34 3.92
N PHE B 311 -29.03 -10.69 3.89
CA PHE B 311 -28.02 -10.93 2.85
C PHE B 311 -26.93 -11.88 3.29
N ALA B 312 -27.03 -12.46 4.50
CA ALA B 312 -25.91 -13.18 5.08
C ALA B 312 -25.50 -14.39 4.25
N SER B 313 -26.45 -15.03 3.56
CA SER B 313 -26.15 -16.18 2.73
C SER B 313 -25.65 -15.82 1.35
N HIS B 314 -25.60 -14.54 1.00
CA HIS B 314 -25.11 -14.17 -0.33
C HIS B 314 -23.64 -14.56 -0.47
N PRO B 315 -23.24 -15.21 -1.56
CA PRO B 315 -21.84 -15.60 -1.71
C PRO B 315 -20.87 -14.44 -1.60
N ASN B 316 -21.31 -13.23 -1.95
CA ASN B 316 -20.48 -12.03 -1.89
C ASN B 316 -20.82 -11.17 -0.67
N TYR B 317 -21.48 -11.74 0.33
CA TYR B 317 -21.69 -11.05 1.57
C TYR B 317 -20.36 -10.54 2.12
N PRO B 318 -20.20 -9.23 2.32
CA PRO B 318 -18.88 -8.69 2.63
C PRO B 318 -18.49 -8.75 4.11
N TYR B 319 -19.41 -9.01 5.02
CA TYR B 319 -19.15 -8.90 6.45
C TYR B 319 -18.95 -10.24 7.13
N SER B 320 -18.47 -11.24 6.41
CA SER B 320 -18.10 -12.50 7.04
C SER B 320 -16.61 -12.63 7.28
N ASP B 321 -15.78 -11.90 6.54
CA ASP B 321 -14.36 -11.84 6.80
C ASP B 321 -14.08 -10.84 7.92
N GLU B 322 -12.90 -10.98 8.53
CA GLU B 322 -12.46 -10.02 9.54
C GLU B 322 -12.55 -8.60 8.99
N TYR B 323 -12.04 -8.38 7.78
CA TYR B 323 -12.24 -7.13 7.06
C TYR B 323 -11.99 -7.36 5.57
#